data_2Q22
#
_entry.id   2Q22
#
_cell.length_a   103.374
_cell.length_b   103.374
_cell.length_c   42.086
_cell.angle_alpha   90.000
_cell.angle_beta   90.000
_cell.angle_gamma   120.000
#
_symmetry.space_group_name_H-M   'P 32'
#
loop_
_entity.id
_entity.type
_entity.pdbx_description
1 polymer 'Uncharacterized protein'
2 non-polymer 'ACETATE ION'
3 non-polymer 'CHLORIDE ION'
4 non-polymer 'TETRAETHYLENE GLYCOL'
5 non-polymer 1,2-ETHANEDIOL
6 water water
#
_entity_poly.entity_id   1
_entity_poly.type   'polypeptide(L)'
_entity_poly.pdbx_seq_one_letter_code
;G(MSE)S(MSE)PNHPNLTTADAKKILNKFNCLDIAPILKPSEKESVRRALILITKLSDYQILGICADTADEGLLA
(MSE)KTYSHALGYEVPIDLPVVEGPVYIKLNGKNGLCYLDSYAGHHRGVLVSCQSYYEGGINE(MSE)YGHLPLDLFV
;
_entity_poly.pdbx_strand_id   A,B,C
#
# COMPACT_ATOMS: atom_id res chain seq x y z
N ASN A 9 1.10 -9.62 -6.12
CA ASN A 9 -0.32 -9.39 -5.71
C ASN A 9 -0.47 -9.63 -4.22
N LEU A 10 -1.27 -8.81 -3.56
CA LEU A 10 -1.25 -8.77 -2.11
C LEU A 10 -2.48 -9.48 -1.58
N THR A 11 -2.27 -10.41 -0.63
CA THR A 11 -3.39 -11.12 0.01
C THR A 11 -3.92 -10.30 1.17
N THR A 12 -5.13 -10.63 1.60
CA THR A 12 -5.75 -9.96 2.75
C THR A 12 -4.93 -10.11 4.01
N ALA A 13 -4.38 -11.31 4.23
CA ALA A 13 -3.56 -11.56 5.41
C ALA A 13 -2.28 -10.74 5.39
N ASP A 14 -1.72 -10.55 4.18
CA ASP A 14 -0.52 -9.75 4.02
C ASP A 14 -0.83 -8.29 4.35
N ALA A 15 -1.93 -7.80 3.81
CA ALA A 15 -2.37 -6.43 4.02
C ALA A 15 -2.52 -6.15 5.51
N LYS A 16 -3.18 -7.06 6.22
CA LYS A 16 -3.42 -6.91 7.66
C LYS A 16 -2.12 -6.91 8.41
N LYS A 17 -1.21 -7.79 8.01
CA LYS A 17 0.08 -7.84 8.65
C LYS A 17 0.79 -6.51 8.50
N ILE A 18 0.73 -5.92 7.32
CA ILE A 18 1.39 -4.64 7.09
C ILE A 18 0.77 -3.55 8.00
N LEU A 19 -0.54 -3.45 8.00
CA LEU A 19 -1.19 -2.40 8.77
C LEU A 19 -1.01 -2.64 10.27
N ASN A 20 -0.94 -3.91 10.67
CA ASN A 20 -0.84 -4.22 12.08
C ASN A 20 0.51 -3.81 12.65
N LYS A 21 1.49 -3.55 11.79
CA LYS A 21 2.76 -3.01 12.26
C LYS A 21 2.59 -1.65 12.97
N PHE A 22 1.51 -0.93 12.68
CA PHE A 22 1.26 0.43 13.26
C PHE A 22 0.37 0.37 14.51
N ASN A 23 -0.08 -0.83 14.87
CA ASN A 23 -0.98 -1.03 16.00
C ASN A 23 -0.54 -0.29 17.24
N CYS A 24 -1.43 0.50 17.82
CA CYS A 24 -1.10 1.30 19.01
C CYS A 24 0.05 2.32 18.92
N LEU A 25 0.47 2.69 17.71
CA LEU A 25 1.49 3.73 17.58
C LEU A 25 0.81 5.09 17.68
N ASP A 26 1.24 5.88 18.66
CA ASP A 26 0.69 7.21 18.88
C ASP A 26 1.15 8.22 17.82
N ILE A 27 2.37 8.04 17.32
CA ILE A 27 2.99 8.97 16.36
C ILE A 27 3.45 8.15 15.16
N ALA A 28 2.90 8.43 14.00
CA ALA A 28 3.23 7.69 12.79
C ALA A 28 4.68 7.93 12.42
N PRO A 29 5.35 6.89 11.92
CA PRO A 29 6.74 7.04 11.53
C PRO A 29 6.87 7.70 10.19
N ILE A 30 8.06 8.20 9.94
CA ILE A 30 8.44 8.64 8.62
C ILE A 30 8.89 7.40 7.84
N LEU A 31 8.17 7.05 6.77
CA LEU A 31 8.43 5.85 6.02
C LEU A 31 9.21 6.13 4.73
N LYS A 32 10.04 5.18 4.34
CA LYS A 32 10.73 5.23 3.07
C LYS A 32 9.73 5.14 1.91
N PRO A 33 10.09 5.64 0.73
CA PRO A 33 9.21 5.60 -0.44
C PRO A 33 8.53 4.24 -0.75
N SER A 34 9.32 3.17 -0.73
CA SER A 34 8.77 1.87 -1.05
C SER A 34 7.98 1.28 0.10
N GLU A 35 8.28 1.71 1.32
CA GLU A 35 7.49 1.31 2.46
C GLU A 35 6.12 1.95 2.34
N LYS A 36 6.08 3.23 1.94
CA LYS A 36 4.83 3.90 1.78
C LYS A 36 3.99 3.20 0.74
N GLU A 37 4.60 2.76 -0.36
CA GLU A 37 3.85 2.08 -1.41
C GLU A 37 3.21 0.83 -0.86
N SER A 38 3.93 0.06 -0.05
CA SER A 38 3.36 -1.16 0.55
C SER A 38 2.19 -0.85 1.44
N VAL A 39 2.35 0.17 2.27
CA VAL A 39 1.28 0.52 3.18
C VAL A 39 0.06 1.04 2.44
N ARG A 40 0.29 1.75 1.35
CA ARG A 40 -0.81 2.25 0.53
C ARG A 40 -1.63 1.10 -0.05
N ARG A 41 -0.93 0.15 -0.65
CA ARG A 41 -1.59 -0.97 -1.25
C ARG A 41 -2.36 -1.77 -0.22
N ALA A 42 -1.76 -2.00 0.94
CA ALA A 42 -2.41 -2.71 2.07
C ALA A 42 -3.70 -1.98 2.49
N LEU A 43 -3.63 -0.66 2.60
CA LEU A 43 -4.76 0.11 3.10
C LEU A 43 -5.88 0.13 2.08
N ILE A 44 -5.55 0.25 0.81
CA ILE A 44 -6.54 0.26 -0.23
C ILE A 44 -7.25 -1.09 -0.31
N LEU A 45 -6.51 -2.19 -0.22
CA LEU A 45 -7.13 -3.54 -0.26
C LEU A 45 -8.09 -3.71 0.90
N ILE A 46 -7.58 -3.49 2.11
CA ILE A 46 -8.36 -3.65 3.33
C ILE A 46 -9.63 -2.81 3.34
N THR A 47 -9.57 -1.59 2.86
CA THR A 47 -10.75 -0.76 2.86
C THR A 47 -11.83 -1.23 1.87
N LYS A 48 -11.44 -1.96 0.83
CA LYS A 48 -12.41 -2.57 -0.09
C LYS A 48 -13.16 -3.74 0.56
N LEU A 49 -12.58 -4.30 1.60
CA LEU A 49 -13.19 -5.37 2.36
C LEU A 49 -14.05 -4.85 3.53
N SER A 50 -14.37 -3.54 3.50
CA SER A 50 -15.24 -2.94 4.51
C SER A 50 -16.27 -2.04 3.85
N ASP A 51 -17.35 -1.78 4.55
CA ASP A 51 -18.42 -0.95 3.97
C ASP A 51 -18.09 0.54 3.98
N TYR A 52 -17.44 1.00 5.03
CA TYR A 52 -17.04 2.40 5.07
C TYR A 52 -15.90 2.61 6.06
N GLN A 53 -15.33 3.81 5.99
CA GLN A 53 -14.23 4.19 6.87
C GLN A 53 -14.50 5.50 7.59
N ILE A 54 -13.88 5.65 8.75
CA ILE A 54 -13.92 6.91 9.50
C ILE A 54 -12.46 7.23 9.68
N LEU A 55 -12.07 8.47 9.35
CA LEU A 55 -10.72 8.93 9.58
C LEU A 55 -10.64 9.84 10.76
N GLY A 56 -9.59 9.65 11.56
CA GLY A 56 -9.20 10.55 12.66
C GLY A 56 -7.78 11.02 12.37
N ILE A 57 -7.59 12.33 12.15
CA ILE A 57 -6.32 12.91 11.70
C ILE A 57 -5.79 13.89 12.73
N CYS A 58 -4.61 13.60 13.32
CA CYS A 58 -3.93 14.53 14.25
C CYS A 58 -2.66 15.11 13.56
N ALA A 59 -2.54 16.43 13.52
CA ALA A 59 -1.48 17.08 12.81
C ALA A 59 -0.99 18.32 13.58
N ASP A 60 0.25 18.72 13.31
CA ASP A 60 0.81 19.92 13.94
C ASP A 60 0.14 21.21 13.47
N THR A 61 -0.43 21.23 12.28
CA THR A 61 -1.01 22.45 11.75
C THR A 61 -2.21 22.09 10.91
N ALA A 62 -3.12 23.04 10.73
CA ALA A 62 -4.28 22.78 9.93
C ALA A 62 -3.88 22.38 8.53
N ASP A 63 -2.87 23.05 7.93
CA ASP A 63 -2.48 22.75 6.54
C ASP A 63 -2.04 21.29 6.38
N GLU A 64 -1.25 20.78 7.32
CA GLU A 64 -0.77 19.41 7.20
C GLU A 64 -1.95 18.46 7.35
N GLY A 65 -2.83 18.79 8.29
CA GLY A 65 -3.98 17.98 8.49
C GLY A 65 -4.91 17.93 7.31
N LEU A 66 -5.18 19.09 6.74
CA LEU A 66 -6.07 19.21 5.56
C LEU A 66 -5.47 18.52 4.34
N LEU A 67 -4.14 18.56 4.19
CA LEU A 67 -3.47 17.83 3.11
C LEU A 67 -3.63 16.33 3.26
N ALA A 68 -3.44 15.83 4.46
CA ALA A 68 -3.71 14.43 4.75
C ALA A 68 -5.17 14.06 4.43
N LYS A 70 -7.31 15.51 2.40
CA LYS A 70 -7.65 15.56 1.00
C LYS A 70 -7.05 14.37 0.24
N THR A 71 -5.81 13.99 0.58
CA THR A 71 -5.13 12.93 -0.12
C THR A 71 -5.64 11.55 0.27
N TYR A 72 -5.82 11.28 1.56
CA TYR A 72 -6.41 10.00 1.96
C TYR A 72 -7.80 9.86 1.37
N SER A 73 -8.63 10.88 1.49
CA SER A 73 -10.03 10.75 1.10
C SER A 73 -10.14 10.46 -0.40
N HIS A 74 -9.32 11.12 -1.21
CA HIS A 74 -9.21 10.80 -2.61
C HIS A 74 -8.81 9.35 -2.91
N ALA A 75 -7.71 8.88 -2.31
CA ALA A 75 -7.24 7.51 -2.54
C ALA A 75 -8.30 6.51 -2.09
N LEU A 76 -9.08 6.85 -1.09
CA LEU A 76 -10.17 5.96 -0.65
C LEU A 76 -11.45 6.12 -1.45
N GLY A 77 -11.46 7.03 -2.40
CA GLY A 77 -12.67 7.25 -3.19
C GLY A 77 -13.77 8.06 -2.52
N TYR A 78 -13.42 8.90 -1.56
CA TYR A 78 -14.41 9.78 -0.90
C TYR A 78 -14.27 11.23 -1.33
N GLU A 79 -15.41 11.88 -1.57
CA GLU A 79 -15.44 13.31 -1.81
C GLU A 79 -15.23 14.02 -0.48
N VAL A 80 -14.65 15.21 -0.53
CA VAL A 80 -14.48 16.02 0.69
C VAL A 80 -14.91 17.45 0.45
N PRO A 81 -15.06 18.23 1.53
CA PRO A 81 -15.26 19.68 1.40
C PRO A 81 -13.90 20.40 1.31
N ASP A 83 -14.27 22.99 2.04
CA ASP A 83 -13.34 23.77 2.85
C ASP A 83 -13.74 23.78 4.35
N LEU A 84 -12.86 23.30 5.20
CA LEU A 84 -13.08 23.37 6.64
C LEU A 84 -12.43 24.65 7.17
N PRO A 85 -13.09 25.33 8.09
CA PRO A 85 -12.42 26.45 8.76
C PRO A 85 -11.23 25.96 9.61
N VAL A 86 -10.22 26.79 9.73
CA VAL A 86 -9.01 26.34 10.45
C VAL A 86 -8.95 26.94 11.87
N VAL A 87 -8.03 26.40 12.64
CA VAL A 87 -7.65 26.95 13.96
C VAL A 87 -6.13 27.00 13.99
N GLU A 88 -5.57 27.73 14.97
CA GLU A 88 -4.13 27.80 15.11
C GLU A 88 -3.66 26.60 15.91
N GLY A 89 -2.43 26.17 15.71
CA GLY A 89 -1.86 25.13 16.52
C GLY A 89 -2.25 23.76 15.99
N PRO A 90 -1.93 22.69 16.77
CA PRO A 90 -2.30 21.34 16.34
C PRO A 90 -3.81 21.11 16.15
N VAL A 91 -4.14 20.25 15.17
CA VAL A 91 -5.52 19.98 14.83
C VAL A 91 -5.87 18.51 14.84
N TYR A 92 -7.17 18.30 15.02
CA TYR A 92 -7.79 17.03 14.83
C TYR A 92 -8.91 17.15 13.81
N ILE A 93 -8.89 16.28 12.80
CA ILE A 93 -9.87 16.29 11.75
C ILE A 93 -10.51 14.94 11.72
N LYS A 94 -11.84 14.92 11.65
CA LYS A 94 -12.66 13.72 11.52
C LYS A 94 -13.31 13.73 10.15
N LEU A 95 -13.34 12.59 9.49
CA LEU A 95 -14.09 12.42 8.25
C LEU A 95 -14.82 11.10 8.38
N ASN A 96 -16.12 11.15 8.55
CA ASN A 96 -16.92 9.99 8.74
C ASN A 96 -17.56 9.57 7.41
N GLY A 97 -17.09 8.45 6.88
CA GLY A 97 -17.54 7.96 5.60
C GLY A 97 -18.94 7.37 5.60
N LYS A 98 -19.48 7.01 6.76
CA LYS A 98 -20.85 6.46 6.83
C LYS A 98 -21.92 7.54 6.73
N ASN A 99 -21.76 8.62 7.51
CA ASN A 99 -22.76 9.68 7.59
C ASN A 99 -22.29 11.05 7.11
N GLY A 100 -21.08 11.14 6.56
CA GLY A 100 -20.56 12.38 5.99
C GLY A 100 -20.05 13.41 7.00
N LEU A 101 -20.13 13.13 8.29
CA LEU A 101 -19.63 14.11 9.30
C LEU A 101 -18.16 14.44 8.99
N CYS A 102 -17.83 15.73 9.01
CA CYS A 102 -16.48 16.21 8.71
CA CYS A 102 -16.50 16.20 8.76
C CYS A 102 -16.26 17.48 9.52
N TYR A 103 -15.18 17.53 10.30
CA TYR A 103 -14.90 18.70 11.11
C TYR A 103 -13.43 18.82 11.42
N LEU A 104 -13.00 20.02 11.78
CA LEU A 104 -11.68 20.30 12.22
C LEU A 104 -11.77 20.96 13.60
N ASP A 105 -11.04 20.42 14.53
CA ASP A 105 -10.98 20.98 15.89
C ASP A 105 -9.57 21.28 16.30
N SER A 106 -9.43 22.18 17.26
CA SER A 106 -8.22 22.31 17.99
C SER A 106 -7.93 21.05 18.76
N TYR A 107 -6.66 20.61 18.74
CA TYR A 107 -6.22 19.35 19.30
C TYR A 107 -5.13 19.55 20.36
N ALA A 108 -5.43 19.14 21.60
CA ALA A 108 -4.54 19.31 22.72
C ALA A 108 -3.80 17.96 23.02
N GLY A 109 -3.98 16.92 22.22
CA GLY A 109 -3.31 15.65 22.49
C GLY A 109 -1.93 15.56 21.87
N HIS A 110 -1.34 14.35 21.84
CA HIS A 110 0.06 14.21 21.40
C HIS A 110 0.26 13.14 20.36
N HIS A 111 -0.82 12.71 19.75
CA HIS A 111 -0.73 11.74 18.68
C HIS A 111 -0.53 12.51 17.40
N ARG A 112 -0.01 11.84 16.38
CA ARG A 112 0.17 12.44 15.07
C ARG A 112 0.04 11.37 13.99
N GLY A 113 -0.65 11.67 12.92
CA GLY A 113 -0.93 10.69 11.89
C GLY A 113 -2.43 10.44 11.81
N VAL A 114 -2.78 9.35 11.16
CA VAL A 114 -4.13 9.08 10.73
C VAL A 114 -4.56 7.70 11.27
N LEU A 115 -5.70 7.69 11.94
CA LEU A 115 -6.36 6.43 12.29
C LEU A 115 -7.47 6.18 11.33
N VAL A 116 -7.46 4.98 10.75
CA VAL A 116 -8.49 4.59 9.78
C VAL A 116 -9.31 3.44 10.40
N SER A 117 -10.54 3.73 10.75
CA SER A 117 -11.48 2.77 11.29
C SER A 117 -12.24 2.26 10.11
N CYS A 118 -12.08 0.97 9.87
CA CYS A 118 -12.81 0.25 8.82
C CYS A 118 -13.97 -0.54 9.43
N GLN A 119 -15.18 -0.24 8.97
CA GLN A 119 -16.37 -0.83 9.55
C GLN A 119 -17.21 -1.55 8.52
N SER A 120 -17.82 -2.64 8.93
CA SER A 120 -18.69 -3.42 8.08
C SER A 120 -19.96 -3.85 8.84
N TYR A 121 -21.08 -3.85 8.12
CA TYR A 121 -22.35 -4.26 8.69
C TYR A 121 -22.49 -5.77 8.79
N TYR A 122 -21.64 -6.48 8.06
CA TYR A 122 -21.74 -7.91 7.93
C TYR A 122 -20.48 -8.65 8.39
N GLU A 123 -20.73 -9.69 9.18
CA GLU A 123 -19.71 -10.61 9.66
C GLU A 123 -18.97 -11.15 8.44
N GLY A 124 -17.65 -11.26 8.56
CA GLY A 124 -16.81 -11.52 7.41
C GLY A 124 -16.14 -10.25 6.96
N GLY A 125 -16.87 -9.13 7.07
CA GLY A 125 -16.32 -7.82 6.76
C GLY A 125 -15.32 -7.35 7.82
N ILE A 126 -14.44 -6.43 7.42
CA ILE A 126 -13.45 -5.88 8.31
C ILE A 126 -14.13 -4.96 9.33
N ASN A 127 -13.79 -5.16 10.59
CA ASN A 127 -14.14 -4.26 11.68
C ASN A 127 -12.87 -4.07 12.51
N GLU A 128 -12.00 -3.18 12.05
CA GLU A 128 -10.71 -2.93 12.69
C GLU A 128 -10.33 -1.48 12.54
N TYR A 130 -6.87 0.94 12.19
CA TYR A 130 -5.44 0.91 11.95
C TYR A 130 -4.79 2.30 12.13
N GLY A 131 -3.59 2.30 12.67
CA GLY A 131 -2.73 3.48 12.76
C GLY A 131 -2.23 3.72 14.13
N HIS A 132 -1.52 4.81 14.34
CA HIS A 132 -1.45 5.93 13.40
C HIS A 132 -0.53 5.74 12.22
N LEU A 133 -1.09 6.02 11.05
CA LEU A 133 -0.39 5.93 9.78
C LEU A 133 0.08 7.37 9.35
N PRO A 134 1.07 7.41 8.46
CA PRO A 134 1.71 8.71 8.19
C PRO A 134 0.76 9.75 7.56
N LEU A 135 0.88 10.99 7.98
CA LEU A 135 0.07 12.04 7.43
C LEU A 135 0.29 12.17 5.90
N ASP A 136 1.53 11.86 5.47
CA ASP A 136 1.96 12.03 4.05
C ASP A 136 1.91 10.73 3.26
N LEU A 137 1.21 9.71 3.77
CA LEU A 137 1.18 8.39 3.15
C LEU A 137 0.77 8.46 1.69
N PHE A 138 -0.14 9.37 1.35
CA PHE A 138 -0.63 9.51 -0.01
C PHE A 138 -0.17 10.78 -0.66
N VAL A 139 0.95 11.33 -0.20
CA VAL A 139 1.62 12.45 -0.83
C VAL A 139 2.93 11.89 -1.40
N ASN B 9 11.47 21.89 14.53
CA ASN B 9 11.72 20.85 13.50
C ASN B 9 11.77 21.41 12.07
N LEU B 10 12.46 20.65 11.22
CA LEU B 10 12.96 21.09 9.91
C LEU B 10 12.06 20.52 8.81
N THR B 11 11.73 21.37 7.82
CA THR B 11 10.91 20.95 6.68
C THR B 11 11.79 20.34 5.61
N THR B 12 11.22 19.55 4.71
CA THR B 12 11.96 18.92 3.61
C THR B 12 12.62 19.96 2.71
N ALA B 13 11.94 21.06 2.44
CA ALA B 13 12.48 22.15 1.63
C ALA B 13 13.69 22.77 2.31
N ASP B 14 13.64 22.89 3.62
CA ASP B 14 14.75 23.48 4.38
C ASP B 14 15.96 22.56 4.33
N ALA B 15 15.71 21.26 4.49
CA ALA B 15 16.75 20.26 4.47
C ALA B 15 17.47 20.29 3.13
N LYS B 16 16.71 20.35 2.05
CA LYS B 16 17.28 20.37 0.70
C LYS B 16 18.07 21.65 0.48
N LYS B 17 17.56 22.76 1.00
CA LYS B 17 18.27 24.04 0.85
C LYS B 17 19.65 23.91 1.49
N ILE B 18 19.67 23.35 2.70
CA ILE B 18 20.91 23.20 3.44
C ILE B 18 21.91 22.33 2.66
N LEU B 19 21.43 21.17 2.19
CA LEU B 19 22.29 20.22 1.49
C LEU B 19 22.73 20.71 0.13
N ASN B 20 21.89 21.53 -0.50
CA ASN B 20 22.18 22.09 -1.81
C ASN B 20 23.26 23.17 -1.77
N LYS B 21 23.55 23.70 -0.58
CA LYS B 21 24.70 24.58 -0.43
C LYS B 21 26.03 23.92 -0.83
N PHE B 22 26.08 22.58 -0.79
CA PHE B 22 27.30 21.80 -1.11
C PHE B 22 27.37 21.30 -2.55
N ASN B 23 26.33 21.57 -3.31
CA ASN B 23 26.25 21.13 -4.68
C ASN B 23 27.54 21.44 -5.48
N CYS B 24 28.10 20.41 -6.12
CA CYS B 24 29.34 20.55 -6.89
C CYS B 24 30.60 21.02 -6.15
N LEU B 25 30.62 20.91 -4.83
CA LEU B 25 31.81 21.20 -4.07
C LEU B 25 32.70 19.95 -4.12
N ASP B 26 33.90 20.13 -4.65
CA ASP B 26 34.91 19.09 -4.74
C ASP B 26 35.53 18.77 -3.40
N ILE B 27 35.70 19.80 -2.59
CA ILE B 27 36.34 19.65 -1.30
C ILE B 27 35.40 20.18 -0.24
N ALA B 28 35.03 19.35 0.73
CA ALA B 28 34.07 19.78 1.75
C ALA B 28 34.69 20.83 2.66
N PRO B 29 33.89 21.81 3.05
CA PRO B 29 34.36 22.84 3.96
C PRO B 29 34.52 22.36 5.40
N ILE B 30 35.31 23.11 6.16
CA ILE B 30 35.39 22.93 7.62
C ILE B 30 34.20 23.73 8.18
N LEU B 31 33.28 23.08 8.89
CA LEU B 31 32.08 23.74 9.37
C LEU B 31 32.18 23.99 10.86
N LYS B 32 31.56 25.07 11.31
CA LYS B 32 31.47 25.33 12.73
C LYS B 32 30.56 24.26 13.38
N PRO B 33 30.69 24.04 14.70
CA PRO B 33 29.82 23.07 15.39
C PRO B 33 28.30 23.20 15.13
N SER B 34 27.75 24.41 15.18
CA SER B 34 26.32 24.56 14.97
C SER B 34 25.93 24.34 13.49
N GLU B 35 26.85 24.67 12.58
CA GLU B 35 26.64 24.41 11.16
C GLU B 35 26.60 22.94 10.89
N LYS B 36 27.45 22.17 11.58
CA LYS B 36 27.45 20.71 11.45
C LYS B 36 26.12 20.17 11.93
N GLU B 37 25.57 20.69 13.02
CA GLU B 37 24.32 20.17 13.55
C GLU B 37 23.23 20.35 12.52
N SER B 38 23.15 21.53 11.89
CA SER B 38 22.16 21.81 10.81
C SER B 38 22.27 20.82 9.67
N VAL B 39 23.49 20.59 9.21
CA VAL B 39 23.72 19.72 8.08
C VAL B 39 23.40 18.29 8.45
N ARG B 40 23.70 17.90 9.67
CA ARG B 40 23.34 16.56 10.12
C ARG B 40 21.83 16.36 10.04
N ARG B 41 21.09 17.25 10.65
CA ARG B 41 19.65 17.14 10.71
C ARG B 41 19.06 17.08 9.32
N ALA B 42 19.54 17.95 8.46
CA ALA B 42 19.07 17.98 7.06
C ALA B 42 19.37 16.64 6.37
N LEU B 43 20.55 16.09 6.61
CA LEU B 43 20.93 14.82 5.97
C LEU B 43 20.09 13.66 6.49
N ILE B 44 19.86 13.63 7.79
CA ILE B 44 19.09 12.55 8.37
C ILE B 44 17.65 12.59 7.86
N LEU B 45 17.08 13.78 7.75
CA LEU B 45 15.72 13.95 7.25
C LEU B 45 15.62 13.49 5.80
N ILE B 46 16.48 14.03 4.94
CA ILE B 46 16.44 13.72 3.50
C ILE B 46 16.65 12.25 3.23
N THR B 47 17.52 11.61 3.99
CA THR B 47 17.72 10.18 3.80
C THR B 47 16.49 9.31 4.13
N LYS B 48 15.64 9.78 5.05
CA LYS B 48 14.41 9.04 5.42
C LYS B 48 13.36 9.12 4.31
N LEU B 49 13.53 10.10 3.41
CA LEU B 49 12.68 10.26 2.24
C LEU B 49 13.22 9.49 0.99
N SER B 50 14.21 8.61 1.20
CA SER B 50 14.74 7.78 0.15
C SER B 50 14.84 6.33 0.62
N ASP B 51 14.85 5.40 -0.34
CA ASP B 51 14.85 3.99 0.00
C ASP B 51 16.22 3.54 0.49
N TYR B 52 17.25 4.08 -0.12
CA TYR B 52 18.62 3.73 0.31
C TYR B 52 19.63 4.76 -0.17
N GLN B 53 20.83 4.64 0.35
CA GLN B 53 21.91 5.56 0.03
C GLN B 53 23.17 4.83 -0.42
N ILE B 54 23.95 5.46 -1.29
CA ILE B 54 25.29 5.00 -1.66
C ILE B 54 26.25 6.15 -1.30
N LEU B 55 27.31 5.83 -0.57
CA LEU B 55 28.25 6.81 -0.12
C LEU B 55 29.55 6.64 -0.93
N GLY B 56 30.14 7.78 -1.25
CA GLY B 56 31.47 7.87 -1.86
C GLY B 56 32.31 8.77 -0.99
N ILE B 57 33.41 8.26 -0.48
CA ILE B 57 34.21 8.95 0.50
C ILE B 57 35.63 9.13 0.03
N CYS B 58 36.05 10.39 -0.06
CA CYS B 58 37.43 10.72 -0.47
C CYS B 58 38.18 11.32 0.72
N ALA B 59 39.32 10.75 1.06
CA ALA B 59 40.07 11.14 2.26
C ALA B 59 41.57 11.05 2.07
N ASP B 60 42.30 11.86 2.83
CA ASP B 60 43.75 11.88 2.74
C ASP B 60 44.43 10.62 3.22
N THR B 61 43.78 9.88 4.12
CA THR B 61 44.38 8.67 4.62
C THR B 61 43.24 7.67 4.84
N ALA B 62 43.58 6.40 4.85
CA ALA B 62 42.60 5.34 5.11
C ALA B 62 41.91 5.52 6.43
N ASP B 63 42.66 5.94 7.44
CA ASP B 63 42.04 6.09 8.78
C ASP B 63 40.95 7.17 8.85
N GLU B 64 41.18 8.31 8.20
CA GLU B 64 40.18 9.37 8.13
C GLU B 64 38.96 8.92 7.32
N GLY B 65 39.24 8.25 6.23
CA GLY B 65 38.18 7.72 5.43
C GLY B 65 37.34 6.69 6.14
N LEU B 66 37.97 5.78 6.85
CA LEU B 66 37.26 4.75 7.58
C LEU B 66 36.44 5.32 8.74
N LEU B 67 36.98 6.35 9.38
CA LEU B 67 36.24 7.04 10.46
C LEU B 67 34.98 7.74 9.90
N ALA B 68 35.10 8.36 8.74
CA ALA B 68 33.92 8.93 8.08
C ALA B 68 32.92 7.83 7.78
N LYS B 70 32.50 4.88 9.15
CA LYS B 70 31.88 4.27 10.32
C LYS B 70 30.85 5.24 10.96
N THR B 71 31.19 6.52 11.04
CA THR B 71 30.33 7.50 11.67
C THR B 71 29.09 7.88 10.82
N TYR B 72 29.27 8.11 9.51
CA TYR B 72 28.11 8.29 8.64
C TYR B 72 27.21 7.04 8.64
N SER B 73 27.79 5.88 8.42
CA SER B 73 26.96 4.68 8.26
C SER B 73 26.11 4.42 9.52
N HIS B 74 26.67 4.65 10.69
CA HIS B 74 25.93 4.56 11.96
C HIS B 74 24.79 5.60 12.06
N ALA B 75 25.06 6.88 11.78
CA ALA B 75 24.01 7.92 11.84
C ALA B 75 22.92 7.59 10.86
N LEU B 76 23.26 6.95 9.75
CA LEU B 76 22.26 6.62 8.76
C LEU B 76 21.54 5.29 9.02
N GLY B 77 21.95 4.59 10.07
CA GLY B 77 21.33 3.29 10.36
C GLY B 77 21.86 2.11 9.56
N TYR B 78 23.09 2.22 9.04
CA TYR B 78 23.70 1.12 8.29
C TYR B 78 24.80 0.37 9.05
N GLU B 79 24.74 -0.96 9.05
CA GLU B 79 25.83 -1.76 9.58
C GLU B 79 27.00 -1.65 8.62
N VAL B 80 28.21 -1.78 9.14
CA VAL B 80 29.42 -1.78 8.31
C VAL B 80 30.37 -2.92 8.71
N PRO B 81 31.36 -3.21 7.84
CA PRO B 81 32.45 -4.11 8.20
C PRO B 81 33.55 -3.34 8.91
N ASP B 83 35.80 -4.78 8.72
CA ASP B 83 37.12 -4.21 8.57
C ASP B 83 37.60 -4.29 7.10
N LEU B 84 37.81 -3.14 6.46
CA LEU B 84 38.29 -3.09 5.06
C LEU B 84 39.81 -3.06 5.09
N PRO B 85 40.48 -3.74 4.15
CA PRO B 85 41.93 -3.61 4.06
C PRO B 85 42.34 -2.18 3.68
N VAL B 86 43.50 -1.72 4.11
CA VAL B 86 43.88 -0.32 3.78
C VAL B 86 44.89 -0.27 2.63
N VAL B 87 45.16 0.95 2.16
CA VAL B 87 46.24 1.27 1.27
C VAL B 87 46.92 2.52 1.80
N GLU B 88 48.11 2.84 1.30
CA GLU B 88 48.82 4.04 1.76
C GLU B 88 48.37 5.22 0.93
N GLY B 89 48.40 6.41 1.48
CA GLY B 89 47.99 7.60 0.73
C GLY B 89 46.49 7.82 0.72
N PRO B 90 46.03 8.75 -0.11
CA PRO B 90 44.61 9.07 -0.15
C PRO B 90 43.74 7.89 -0.61
N VAL B 91 42.52 7.82 -0.05
CA VAL B 91 41.61 6.70 -0.32
C VAL B 91 40.27 7.18 -0.83
N TYR B 92 39.60 6.27 -1.52
CA TYR B 92 38.20 6.39 -1.87
C TYR B 92 37.49 5.13 -1.34
N ILE B 93 36.44 5.33 -0.57
CA ILE B 93 35.62 4.29 -0.02
C ILE B 93 34.22 4.41 -0.57
N LYS B 94 33.65 3.29 -1.00
CA LYS B 94 32.27 3.18 -1.47
C LYS B 94 31.52 2.31 -0.46
N LEU B 95 30.30 2.70 -0.12
CA LEU B 95 29.40 1.93 0.74
C LEU B 95 28.06 1.99 0.05
N ASN B 96 27.62 0.86 -0.50
CA ASN B 96 26.38 0.77 -1.26
C ASN B 96 25.28 0.20 -0.38
N GLY B 97 24.34 1.05 -0.01
CA GLY B 97 23.23 0.64 0.87
C GLY B 97 22.19 -0.26 0.23
N LYS B 98 22.15 -0.29 -1.10
CA LYS B 98 21.19 -1.12 -1.82
C LYS B 98 21.62 -2.59 -1.80
N ASN B 99 22.86 -2.84 -2.23
CA ASN B 99 23.40 -4.20 -2.41
C ASN B 99 24.55 -4.58 -1.48
N GLY B 100 24.86 -3.73 -0.50
CA GLY B 100 25.93 -3.99 0.49
C GLY B 100 27.37 -3.92 -0.01
N LEU B 101 27.58 -3.56 -1.27
CA LEU B 101 28.94 -3.41 -1.78
C LEU B 101 29.70 -2.39 -0.90
N CYS B 102 30.94 -2.74 -0.56
CA CYS B 102 31.79 -1.90 0.26
CA CYS B 102 31.79 -1.92 0.26
C CYS B 102 33.21 -2.20 -0.17
N TYR B 103 33.99 -1.14 -0.42
CA TYR B 103 35.36 -1.33 -0.77
C TYR B 103 36.21 -0.09 -0.54
N LEU B 104 37.52 -0.26 -0.41
CA LEU B 104 38.43 0.82 -0.21
C LEU B 104 39.51 0.74 -1.34
N ASP B 105 39.65 1.84 -2.08
CA ASP B 105 40.62 1.90 -3.16
C ASP B 105 41.63 3.00 -2.88
N SER B 106 42.81 2.86 -3.47
CA SER B 106 43.71 3.95 -3.65
C SER B 106 43.09 5.03 -4.55
N TYR B 107 43.22 6.29 -4.15
CA TYR B 107 42.52 7.41 -4.76
C TYR B 107 43.51 8.44 -5.30
N ALA B 108 43.50 8.64 -6.63
CA ALA B 108 44.39 9.59 -7.30
C ALA B 108 43.70 10.96 -7.59
N GLY B 109 42.47 11.16 -7.15
CA GLY B 109 41.75 12.38 -7.39
C GLY B 109 42.06 13.46 -6.35
N HIS B 110 41.29 14.54 -6.39
CA HIS B 110 41.57 15.69 -5.52
C HIS B 110 40.33 16.18 -4.76
N HIS B 111 39.29 15.37 -4.74
CA HIS B 111 38.13 15.67 -3.96
C HIS B 111 38.37 15.21 -2.55
N ARG B 112 37.64 15.77 -1.62
CA ARG B 112 37.67 15.37 -0.21
C ARG B 112 36.29 15.55 0.40
N GLY B 113 35.87 14.58 1.19
CA GLY B 113 34.56 14.62 1.80
C GLY B 113 33.73 13.50 1.27
N VAL B 114 32.43 13.59 1.54
CA VAL B 114 31.50 12.50 1.36
C VAL B 114 30.39 12.92 0.38
N LEU B 115 30.17 12.10 -0.67
CA LEU B 115 28.98 12.22 -1.50
C LEU B 115 27.96 11.17 -1.05
N VAL B 116 26.74 11.64 -0.87
CA VAL B 116 25.62 10.83 -0.47
C VAL B 116 24.61 10.79 -1.61
N SER B 117 24.52 9.63 -2.26
CA SER B 117 23.59 9.44 -3.36
C SER B 117 22.33 8.82 -2.76
N CYS B 118 21.24 9.58 -2.78
CA CYS B 118 19.96 9.15 -2.21
C CYS B 118 19.06 8.65 -3.31
N GLN B 119 18.62 7.41 -3.22
CA GLN B 119 17.90 6.79 -4.31
C GLN B 119 16.57 6.24 -3.83
N SER B 120 15.55 6.37 -4.68
CA SER B 120 14.21 5.84 -4.41
C SER B 120 13.65 5.13 -5.64
N TYR B 121 12.93 4.03 -5.40
CA TYR B 121 12.30 3.25 -6.47
C TYR B 121 11.02 3.92 -6.96
N TYR B 122 10.45 4.84 -6.16
CA TYR B 122 9.15 5.45 -6.47
C TYR B 122 9.21 6.97 -6.59
N GLU B 123 8.55 7.46 -7.65
CA GLU B 123 8.41 8.88 -7.92
C GLU B 123 7.80 9.52 -6.68
N GLY B 124 8.29 10.71 -6.33
CA GLY B 124 7.97 11.32 -5.05
C GLY B 124 9.14 11.14 -4.11
N GLY B 125 9.82 10.00 -4.20
CA GLY B 125 11.03 9.74 -3.41
C GLY B 125 12.21 10.57 -3.90
N ILE B 126 13.17 10.80 -3.02
CA ILE B 126 14.39 11.55 -3.37
C ILE B 126 15.25 10.70 -4.29
N ASN B 127 15.70 11.32 -5.38
CA ASN B 127 16.71 10.75 -6.27
C ASN B 127 17.75 11.85 -6.57
N GLU B 128 18.66 12.08 -5.62
CA GLU B 128 19.56 13.22 -5.65
C GLU B 128 20.87 12.82 -5.04
N TYR B 130 24.20 14.50 -2.90
CA TYR B 130 24.60 15.66 -2.15
C TYR B 130 26.07 15.56 -1.81
N GLY B 131 26.75 16.70 -1.80
CA GLY B 131 28.11 16.80 -1.27
C GLY B 131 29.08 17.40 -2.29
N HIS B 132 30.38 17.50 -1.94
CA HIS B 132 30.98 16.80 -0.83
C HIS B 132 30.73 17.43 0.54
N LEU B 133 30.28 16.59 1.47
CA LEU B 133 30.04 16.97 2.86
C LEU B 133 31.27 16.60 3.69
N PRO B 134 31.40 17.22 4.88
CA PRO B 134 32.64 17.04 5.65
C PRO B 134 32.89 15.61 6.12
N LEU B 135 34.15 15.19 6.09
CA LEU B 135 34.52 13.85 6.54
C LEU B 135 34.16 13.67 8.02
N ASP B 136 34.14 14.78 8.76
CA ASP B 136 33.94 14.78 10.22
C ASP B 136 32.55 15.28 10.62
N LEU B 137 31.59 15.25 9.71
CA LEU B 137 30.25 15.73 9.96
C LEU B 137 29.61 15.03 11.15
N PHE B 138 29.85 13.72 11.31
CA PHE B 138 29.30 12.97 12.42
C PHE B 138 30.34 12.58 13.46
N VAL B 139 31.40 13.37 13.57
CA VAL B 139 32.38 13.26 14.64
C VAL B 139 32.19 14.50 15.52
N LEU C 10 -37.46 -8.09 -1.59
CA LEU C 10 -36.80 -7.83 -2.91
C LEU C 10 -37.70 -8.33 -4.05
N THR C 11 -38.00 -7.45 -5.01
CA THR C 11 -38.81 -7.86 -6.17
C THR C 11 -37.92 -8.46 -7.23
N THR C 12 -38.53 -9.16 -8.19
CA THR C 12 -37.78 -9.76 -9.30
C THR C 12 -37.11 -8.71 -10.16
N ALA C 13 -37.78 -7.58 -10.38
CA ALA C 13 -37.21 -6.49 -11.16
C ALA C 13 -35.99 -5.89 -10.47
N ASP C 14 -36.04 -5.82 -9.15
CA ASP C 14 -34.93 -5.30 -8.37
C ASP C 14 -33.74 -6.24 -8.51
N ALA C 15 -34.00 -7.53 -8.30
CA ALA C 15 -32.97 -8.55 -8.38
C ALA C 15 -32.26 -8.50 -9.74
N LYS C 16 -33.03 -8.38 -10.82
CA LYS C 16 -32.45 -8.31 -12.16
C LYS C 16 -31.63 -7.07 -12.34
N LYS C 17 -32.12 -5.95 -11.82
CA LYS C 17 -31.39 -4.69 -11.95
C LYS C 17 -30.03 -4.78 -11.24
N ILE C 18 -30.01 -5.44 -10.08
CA ILE C 18 -28.76 -5.65 -9.34
C ILE C 18 -27.79 -6.52 -10.13
N LEU C 19 -28.27 -7.65 -10.64
CA LEU C 19 -27.42 -8.59 -11.38
C LEU C 19 -26.97 -8.00 -12.73
N ASN C 20 -27.81 -7.17 -13.32
CA ASN C 20 -27.49 -6.55 -14.60
C ASN C 20 -26.39 -5.52 -14.52
N LYS C 21 -26.10 -5.04 -13.33
CA LYS C 21 -24.91 -4.20 -13.16
C LYS C 21 -23.64 -4.90 -13.64
N PHE C 22 -23.60 -6.25 -13.64
CA PHE C 22 -22.38 -7.03 -13.95
C PHE C 22 -22.29 -7.45 -15.43
N ASN C 23 -23.34 -7.14 -16.18
CA ASN C 23 -23.48 -7.54 -17.56
C ASN C 23 -22.22 -7.23 -18.39
N CYS C 24 -21.69 -8.25 -19.05
CA CYS C 24 -20.46 -8.15 -19.84
C CYS C 24 -19.17 -7.75 -19.10
N LEU C 25 -19.14 -7.85 -17.78
CA LEU C 25 -17.89 -7.61 -17.03
C LEU C 25 -17.03 -8.86 -17.18
N ASP C 26 -15.83 -8.67 -17.73
CA ASP C 26 -14.87 -9.77 -17.88
C ASP C 26 -14.23 -10.15 -16.54
N ILE C 27 -14.03 -9.16 -15.66
CA ILE C 27 -13.38 -9.37 -14.35
C ILE C 27 -14.32 -8.84 -13.25
N ALA C 28 -14.78 -9.74 -12.40
CA ALA C 28 -15.68 -9.37 -11.32
C ALA C 28 -14.99 -8.37 -10.37
N PRO C 29 -15.74 -7.37 -9.89
CA PRO C 29 -15.20 -6.40 -8.93
C PRO C 29 -15.08 -6.97 -7.56
N ILE C 30 -14.25 -6.32 -6.76
CA ILE C 30 -14.21 -6.58 -5.33
C ILE C 30 -15.32 -5.70 -4.69
N LEU C 31 -16.33 -6.33 -4.07
CA LEU C 31 -17.51 -5.66 -3.54
C LEU C 31 -17.40 -5.47 -2.03
N LYS C 32 -17.97 -4.38 -1.54
CA LYS C 32 -18.07 -4.15 -0.11
C LYS C 32 -18.98 -5.20 0.53
N PRO C 33 -18.84 -5.43 1.84
CA PRO C 33 -19.65 -6.45 2.52
C PRO C 33 -21.15 -6.37 2.29
N SER C 34 -21.74 -5.17 2.38
CA SER C 34 -23.17 -4.99 2.18
C SER C 34 -23.60 -5.09 0.71
N GLU C 35 -22.72 -4.69 -0.21
CA GLU C 35 -22.98 -4.89 -1.62
C GLU C 35 -23.04 -6.37 -1.95
N LYS C 36 -22.21 -7.17 -1.31
CA LYS C 36 -22.23 -8.60 -1.51
C LYS C 36 -23.56 -9.14 -1.04
N GLU C 37 -24.05 -8.69 0.12
CA GLU C 37 -25.34 -9.20 0.64
C GLU C 37 -26.45 -8.94 -0.36
N SER C 38 -26.48 -7.75 -0.98
CA SER C 38 -27.50 -7.41 -2.00
C SER C 38 -27.40 -8.32 -3.22
N VAL C 39 -26.20 -8.53 -3.70
CA VAL C 39 -26.02 -9.39 -4.85
C VAL C 39 -26.40 -10.81 -4.51
N ARG C 40 -26.10 -11.26 -3.30
CA ARG C 40 -26.43 -12.63 -2.92
C ARG C 40 -27.95 -12.82 -2.96
N ARG C 41 -28.67 -11.90 -2.33
CA ARG C 41 -30.11 -11.97 -2.27
C ARG C 41 -30.71 -11.97 -3.66
N ALA C 42 -30.26 -11.05 -4.51
CA ALA C 42 -30.71 -10.99 -5.89
C ALA C 42 -30.45 -12.31 -6.63
N LEU C 43 -29.28 -12.90 -6.42
CA LEU C 43 -28.95 -14.12 -7.15
C LEU C 43 -29.81 -15.28 -6.66
N ILE C 44 -30.01 -15.35 -5.35
CA ILE C 44 -30.79 -16.43 -4.77
C ILE C 44 -32.24 -16.34 -5.24
N LEU C 45 -32.79 -15.13 -5.31
CA LEU C 45 -34.16 -14.96 -5.78
C LEU C 45 -34.26 -15.38 -7.25
N ILE C 46 -33.42 -14.79 -8.10
CA ILE C 46 -33.50 -15.07 -9.53
C ILE C 46 -33.30 -16.56 -9.85
N THR C 47 -32.42 -17.24 -9.12
CA THR C 47 -32.22 -18.67 -9.37
C THR C 47 -33.50 -19.50 -9.05
N LYS C 48 -34.31 -19.03 -8.11
CA LYS C 48 -35.56 -19.75 -7.77
C LYS C 48 -36.62 -19.57 -8.85
N LEU C 49 -36.42 -18.59 -9.71
CA LEU C 49 -37.29 -18.33 -10.84
C LEU C 49 -36.79 -19.02 -12.12
N SER C 50 -35.85 -19.97 -11.97
CA SER C 50 -35.37 -20.77 -13.09
C SER C 50 -35.30 -22.24 -12.68
N ASP C 51 -35.28 -23.12 -13.67
CA ASP C 51 -35.34 -24.55 -13.39
C ASP C 51 -33.99 -25.07 -12.96
N TYR C 52 -32.91 -24.55 -13.57
CA TYR C 52 -31.55 -24.92 -13.19
C TYR C 52 -30.53 -23.85 -13.58
N GLN C 53 -29.31 -24.03 -13.08
CA GLN C 53 -28.20 -23.14 -13.38
C GLN C 53 -26.98 -23.90 -13.88
N ILE C 54 -26.18 -23.23 -14.70
CA ILE C 54 -24.85 -23.72 -15.09
C ILE C 54 -23.89 -22.65 -14.65
N LEU C 55 -22.82 -23.05 -13.97
CA LEU C 55 -21.80 -22.11 -13.53
C LEU C 55 -20.50 -22.25 -14.31
N GLY C 56 -19.93 -21.12 -14.66
CA GLY C 56 -18.63 -21.06 -15.30
C GLY C 56 -17.74 -20.19 -14.42
N ILE C 57 -16.65 -20.75 -13.95
CA ILE C 57 -15.84 -20.09 -12.94
C ILE C 57 -14.40 -19.94 -13.45
N CYS C 58 -13.91 -18.71 -13.49
CA CYS C 58 -12.51 -18.41 -13.90
C CYS C 58 -11.72 -17.84 -12.73
N ALA C 59 -10.62 -18.48 -12.37
CA ALA C 59 -9.86 -18.10 -11.19
C ALA C 59 -8.37 -18.17 -11.43
N ASP C 60 -7.63 -17.40 -10.67
CA ASP C 60 -6.16 -17.39 -10.74
C ASP C 60 -5.52 -18.72 -10.35
N THR C 61 -6.19 -19.48 -9.46
CA THR C 61 -5.64 -20.73 -8.94
C THR C 61 -6.75 -21.71 -8.77
N ALA C 62 -6.44 -22.99 -8.79
CA ALA C 62 -7.46 -24.03 -8.51
C ALA C 62 -8.16 -23.85 -7.16
N ASP C 63 -7.40 -23.49 -6.13
CA ASP C 63 -7.99 -23.32 -4.81
C ASP C 63 -9.09 -22.24 -4.73
N GLU C 64 -8.83 -21.14 -5.38
CA GLU C 64 -9.77 -20.02 -5.38
C GLU C 64 -10.98 -20.44 -6.21
N GLY C 65 -10.72 -21.07 -7.34
CA GLY C 65 -11.85 -21.56 -8.15
C GLY C 65 -12.75 -22.56 -7.43
N LEU C 66 -12.10 -23.50 -6.74
CA LEU C 66 -12.81 -24.57 -6.02
C LEU C 66 -13.54 -24.03 -4.78
N LEU C 67 -12.97 -23.02 -4.15
CA LEU C 67 -13.66 -22.31 -3.06
C LEU C 67 -14.94 -21.66 -3.58
N ALA C 68 -14.84 -20.99 -4.72
CA ALA C 68 -16.03 -20.42 -5.37
C ALA C 68 -17.08 -21.51 -5.67
N LYS C 70 -17.52 -24.49 -4.38
CA LYS C 70 -18.15 -25.07 -3.22
C LYS C 70 -19.17 -24.13 -2.56
N THR C 71 -18.82 -22.84 -2.47
CA THR C 71 -19.67 -21.85 -1.79
C THR C 71 -20.89 -21.44 -2.63
N TYR C 72 -20.72 -21.15 -3.91
CA TYR C 72 -21.86 -20.87 -4.76
C TYR C 72 -22.80 -22.09 -4.83
N SER C 73 -22.24 -23.28 -5.01
CA SER C 73 -23.10 -24.47 -5.22
C SER C 73 -23.94 -24.76 -3.95
N HIS C 74 -23.35 -24.59 -2.77
CA HIS C 74 -24.06 -24.72 -1.51
C HIS C 74 -25.18 -23.67 -1.38
N ALA C 75 -24.89 -22.38 -1.61
CA ALA C 75 -25.94 -21.33 -1.51
C ALA C 75 -27.05 -21.58 -2.50
N LEU C 76 -26.73 -22.15 -3.66
CA LEU C 76 -27.76 -22.45 -4.65
C LEU C 76 -28.44 -23.80 -4.45
N GLY C 77 -28.04 -24.55 -3.42
CA GLY C 77 -28.68 -25.83 -3.12
C GLY C 77 -28.22 -26.99 -3.99
N TYR C 78 -27.01 -26.90 -4.52
CA TYR C 78 -26.43 -28.00 -5.32
C TYR C 78 -25.36 -28.79 -4.55
N GLU C 79 -25.44 -30.10 -4.61
CA GLU C 79 -24.37 -30.96 -4.09
C GLU C 79 -23.20 -30.87 -5.08
N VAL C 80 -21.99 -31.02 -4.58
CA VAL C 80 -20.80 -31.01 -5.43
C VAL C 80 -19.89 -32.18 -5.09
N PRO C 81 -18.90 -32.43 -5.97
CA PRO C 81 -17.82 -33.37 -5.67
C PRO C 81 -16.70 -32.65 -4.92
N ASP C 83 -14.51 -34.10 -5.11
CA ASP C 83 -13.17 -33.55 -5.29
C ASP C 83 -12.70 -33.62 -6.77
N LEU C 84 -12.42 -32.45 -7.35
CA LEU C 84 -11.95 -32.34 -8.74
C LEU C 84 -10.42 -32.32 -8.73
N PRO C 85 -9.79 -33.02 -9.67
CA PRO C 85 -8.32 -32.88 -9.76
C PRO C 85 -7.92 -31.47 -10.16
N VAL C 86 -6.73 -31.02 -9.71
CA VAL C 86 -6.32 -29.64 -9.97
C VAL C 86 -5.26 -29.57 -11.11
N VAL C 87 -5.00 -28.36 -11.56
CA VAL C 87 -3.91 -28.05 -12.46
C VAL C 87 -3.17 -26.84 -11.88
N GLU C 88 -1.98 -26.56 -12.40
CA GLU C 88 -1.26 -25.38 -11.98
C GLU C 88 -1.75 -24.21 -12.78
N GLY C 89 -1.66 -23.00 -12.20
CA GLY C 89 -2.04 -21.81 -12.91
C GLY C 89 -3.56 -21.61 -12.93
N PRO C 90 -4.01 -20.65 -13.75
CA PRO C 90 -5.44 -20.26 -13.75
C PRO C 90 -6.33 -21.40 -14.20
N VAL C 91 -7.53 -21.45 -13.63
CA VAL C 91 -8.46 -22.52 -13.90
C VAL C 91 -9.80 -22.01 -14.39
N TYR C 92 -10.49 -22.92 -15.09
CA TYR C 92 -11.90 -22.77 -15.43
C TYR C 92 -12.62 -23.98 -14.87
N ILE C 93 -13.69 -23.72 -14.13
CA ILE C 93 -14.51 -24.76 -13.58
C ILE C 93 -15.93 -24.59 -14.10
N LYS C 94 -16.49 -25.70 -14.57
CA LYS C 94 -17.87 -25.81 -15.01
C LYS C 94 -18.65 -26.65 -14.03
N LEU C 95 -19.87 -26.24 -13.71
CA LEU C 95 -20.80 -27.02 -12.89
C LEU C 95 -22.15 -26.92 -13.54
N ASN C 96 -22.61 -28.00 -14.16
CA ASN C 96 -23.85 -27.99 -14.89
C ASN C 96 -24.95 -28.60 -14.03
N GLY C 97 -25.88 -27.75 -13.63
CA GLY C 97 -26.97 -28.12 -12.75
C GLY C 97 -28.02 -28.99 -13.39
N LYS C 98 -28.13 -28.97 -14.72
CA LYS C 98 -29.15 -29.81 -15.36
C LYS C 98 -28.71 -31.27 -15.47
N ASN C 99 -27.47 -31.51 -15.90
CA ASN C 99 -26.98 -32.86 -16.16
C ASN C 99 -25.85 -33.33 -15.26
N GLY C 100 -25.47 -32.52 -14.28
CA GLY C 100 -24.42 -32.86 -13.33
C GLY C 100 -22.98 -32.77 -13.82
N LEU C 101 -22.76 -32.35 -15.06
CA LEU C 101 -21.39 -32.21 -15.58
C LEU C 101 -20.60 -31.26 -14.68
N CYS C 102 -19.40 -31.68 -14.31
CA CYS C 102 -18.52 -30.87 -13.46
CA CYS C 102 -18.53 -30.90 -13.47
C CYS C 102 -17.09 -31.21 -13.85
N TYR C 103 -16.29 -30.18 -14.05
CA TYR C 103 -14.89 -30.38 -14.43
C TYR C 103 -14.05 -29.16 -14.18
N LEU C 104 -12.74 -29.38 -14.09
CA LEU C 104 -11.80 -28.30 -13.91
C LEU C 104 -10.73 -28.40 -14.96
N ASP C 105 -10.52 -27.29 -15.66
CA ASP C 105 -9.55 -27.24 -16.77
C ASP C 105 -8.53 -26.15 -16.52
N SER C 106 -7.37 -26.29 -17.17
CA SER C 106 -6.45 -25.21 -17.33
C SER C 106 -7.08 -24.12 -18.18
N TYR C 107 -6.94 -22.87 -17.74
CA TYR C 107 -7.61 -21.70 -18.35
C TYR C 107 -6.57 -20.72 -18.85
N ALA C 108 -6.60 -20.48 -20.18
CA ALA C 108 -5.71 -19.54 -20.82
C ALA C 108 -6.39 -18.15 -21.06
N GLY C 109 -7.63 -17.94 -20.60
CA GLY C 109 -8.33 -16.69 -20.82
C GLY C 109 -7.99 -15.62 -19.76
N HIS C 110 -8.69 -14.49 -19.81
CA HIS C 110 -8.37 -13.36 -18.94
C HIS C 110 -9.59 -12.87 -18.12
N HIS C 111 -10.64 -13.69 -18.08
CA HIS C 111 -11.80 -13.40 -17.28
C HIS C 111 -11.53 -13.91 -15.91
N ARG C 112 -12.23 -13.34 -14.92
CA ARG C 112 -12.18 -13.79 -13.55
C ARG C 112 -13.53 -13.59 -12.91
N GLY C 113 -13.97 -14.57 -12.13
CA GLY C 113 -15.31 -14.50 -11.50
C GLY C 113 -16.17 -15.61 -12.02
N VAL C 114 -17.48 -15.47 -11.77
CA VAL C 114 -18.45 -16.51 -11.92
C VAL C 114 -19.54 -16.06 -12.90
N LEU C 115 -19.77 -16.84 -13.96
CA LEU C 115 -20.95 -16.65 -14.82
C LEU C 115 -21.98 -17.66 -14.41
N VAL C 116 -23.20 -17.18 -14.18
CA VAL C 116 -24.32 -18.00 -13.79
C VAL C 116 -25.37 -17.95 -14.91
N SER C 117 -25.48 -19.05 -15.64
N SER C 117 -25.49 -19.03 -15.65
CA SER C 117 -26.52 -19.24 -16.66
CA SER C 117 -26.52 -19.17 -16.69
C SER C 117 -27.75 -19.76 -15.96
C SER C 117 -27.74 -19.75 -16.04
N CYS C 118 -28.80 -18.96 -15.94
CA CYS C 118 -30.08 -19.41 -15.37
C CYS C 118 -31.04 -19.78 -16.51
N GLN C 119 -31.45 -21.05 -16.56
CA GLN C 119 -32.24 -21.58 -17.67
C GLN C 119 -33.57 -22.14 -17.17
N SER C 120 -34.59 -22.00 -18.01
CA SER C 120 -35.93 -22.53 -17.74
C SER C 120 -36.51 -23.21 -18.98
N TYR C 121 -37.24 -24.28 -18.75
CA TYR C 121 -37.90 -25.03 -19.79
C TYR C 121 -39.14 -24.30 -20.29
N TYR C 122 -39.68 -23.39 -19.48
CA TYR C 122 -40.94 -22.72 -19.79
C TYR C 122 -40.82 -21.22 -19.91
N GLU C 123 -41.53 -20.69 -20.90
CA GLU C 123 -41.65 -19.24 -21.09
C GLU C 123 -42.28 -18.65 -19.83
N GLY C 124 -41.78 -17.48 -19.43
CA GLY C 124 -42.07 -16.91 -18.13
C GLY C 124 -40.91 -17.15 -17.20
N GLY C 125 -40.25 -18.31 -17.34
CA GLY C 125 -39.05 -18.63 -16.57
C GLY C 125 -37.85 -17.83 -17.05
N ILE C 126 -36.87 -17.65 -16.18
CA ILE C 126 -35.68 -16.89 -16.51
C ILE C 126 -34.83 -17.71 -17.46
N ASN C 127 -34.35 -17.07 -18.51
CA ASN C 127 -33.34 -17.60 -19.41
C ASN C 127 -32.33 -16.47 -19.64
N GLU C 128 -31.40 -16.30 -18.70
CA GLU C 128 -30.45 -15.20 -18.71
C GLU C 128 -29.14 -15.68 -18.11
N TYR C 130 -25.71 -14.19 -15.98
CA TYR C 130 -25.21 -13.06 -15.20
C TYR C 130 -23.74 -13.23 -14.86
N GLY C 131 -23.01 -12.12 -14.84
CA GLY C 131 -21.64 -12.11 -14.45
C GLY C 131 -20.72 -11.41 -15.41
N HIS C 132 -19.44 -11.33 -15.09
CA HIS C 132 -18.85 -12.13 -14.02
C HIS C 132 -19.06 -11.58 -12.61
N LEU C 133 -19.50 -12.46 -11.70
CA LEU C 133 -19.75 -12.13 -10.33
C LEU C 133 -18.52 -12.53 -9.52
N PRO C 134 -18.37 -11.94 -8.33
CA PRO C 134 -17.14 -12.18 -7.56
C PRO C 134 -16.95 -13.65 -7.13
N LEU C 135 -15.71 -14.08 -7.16
CA LEU C 135 -15.38 -15.41 -6.74
C LEU C 135 -15.78 -15.67 -5.26
N ASP C 136 -15.69 -14.61 -4.45
CA ASP C 136 -15.90 -14.68 -3.01
C ASP C 136 -17.26 -14.17 -2.59
N LEU C 137 -18.22 -14.11 -3.53
CA LEU C 137 -19.55 -13.61 -3.25
C LEU C 137 -20.22 -14.31 -2.07
N PHE C 138 -19.95 -15.61 -1.94
CA PHE C 138 -20.51 -16.40 -0.88
C PHE C 138 -19.49 -16.85 0.16
N VAL C 139 -18.39 -16.12 0.28
CA VAL C 139 -17.43 -16.28 1.37
C VAL C 139 -17.62 -15.06 2.30
#